data_5Y2G
#
_entry.id   5Y2G
#
_cell.length_a   145.620
_cell.length_b   145.620
_cell.length_c   156.420
_cell.angle_alpha   90.00
_cell.angle_beta   90.00
_cell.angle_gamma   120.00
#
_symmetry.space_group_name_H-M   'P 65 2 2'
#
loop_
_entity.id
_entity.type
_entity.pdbx_description
1 polymer 'Maltose-binding periplasmic protein,Protein B'
2 branched alpha-D-glucopyranose-(1-4)-alpha-D-glucopyranose
3 non-polymer 'SULFATE ION'
#
_entity_poly.entity_id   1
_entity_poly.type   'polypeptide(L)'
_entity_poly.pdbx_seq_one_letter_code
;MKIEEGKLVIWINGDKGYNGLAEVGKKFEKDTGIKVTVEHPDKLEEKFPQVAATGDGPDIIFWAHDRFGGYAQSGLLAEI
TPAAAFQDKLYPFTWDAVRYNGKLIAYPIAVEALSLIYNKDLLPNPPKTWEEIPALDKELKAKGKSALMFNLQEPYFTWP
LIAADGGYAFKYAAGKYDIKDVGVDNAGAKAGLTFLVDLIKNKHMNADTDYSIAEAAFNKGETAMTINGPWAWSNIDTSA
VNYGVTVLPTFKGQPSKPFVGVLSAGINAASPNKELAKEFLENYLLTDEGLEAVNKDKPLGAVALKSYEEELAKDPRIAA
TMENAQKGEIMPNIPQMSAFWYAVRTAVINAASGRQTVDAALAAAQTNAVDSNNQAQQMAQKLDQDSIQLRNIKDNVQGT
DYEKPVNEAITSVEKLKTSLRANSETVYDLNSIGSRVEALTDVIEAITFSTQHLANKVSQANIDMGFGITKLVIRILDPF
ASVDSIKAQVNDVKALEQKVLTYPDLKPTDRATIYTKSKLDKEIWNTRFTRDKKVLNVKEFKVYNTLNKAITHAVGVQLN
PNVTVQQVDQEIVTLQAALQTALKAAALEHHHHHH
;
_entity_poly.pdbx_strand_id   A
#
# COMPACT_ATOMS: atom_id res chain seq x y z
N GLU A 4 -20.09 -22.67 17.24
CA GLU A 4 -20.94 -23.71 17.82
C GLU A 4 -21.07 -24.92 16.90
N GLU A 5 -21.71 -25.99 17.42
CA GLU A 5 -21.81 -27.26 16.70
C GLU A 5 -22.86 -27.20 15.60
N GLY A 6 -23.84 -26.32 15.72
CA GLY A 6 -24.95 -26.32 14.79
C GLY A 6 -24.69 -25.54 13.51
N LYS A 7 -24.32 -24.29 13.66
CA LYS A 7 -24.08 -23.41 12.52
C LYS A 7 -22.64 -23.56 12.03
N LEU A 8 -22.40 -23.11 10.81
CA LEU A 8 -21.06 -23.02 10.24
C LEU A 8 -20.78 -21.61 9.81
N VAL A 9 -19.53 -21.22 9.98
CA VAL A 9 -19.01 -19.94 9.50
C VAL A 9 -17.67 -20.23 8.85
N ILE A 10 -17.48 -19.79 7.61
CA ILE A 10 -16.18 -19.92 6.96
C ILE A 10 -15.67 -18.52 6.64
N TRP A 11 -14.37 -18.29 6.90
CA TRP A 11 -13.71 -17.01 6.57
C TRP A 11 -12.92 -17.20 5.29
N ILE A 12 -13.35 -16.53 4.24
CA ILE A 12 -12.66 -16.51 2.97
C ILE A 12 -12.62 -15.06 2.55
N ASN A 13 -11.93 -14.78 1.47
CA ASN A 13 -11.61 -13.42 1.12
C ASN A 13 -12.62 -12.94 0.11
N GLY A 14 -13.06 -11.71 0.28
CA GLY A 14 -13.91 -11.15 -0.74
C GLY A 14 -13.15 -10.83 -2.00
N ASP A 15 -12.55 -11.83 -2.58
CA ASP A 15 -12.30 -11.83 -4.02
C ASP A 15 -12.35 -13.23 -4.60
N LYS A 16 -12.70 -14.24 -3.80
CA LYS A 16 -12.74 -15.62 -4.22
C LYS A 16 -14.19 -16.10 -4.27
N GLY A 17 -14.38 -17.37 -4.63
CA GLY A 17 -15.70 -17.88 -4.95
C GLY A 17 -16.57 -18.07 -3.73
N TYR A 18 -16.64 -17.02 -2.88
CA TYR A 18 -17.48 -17.10 -1.69
C TYR A 18 -18.92 -17.43 -2.06
N ASN A 19 -19.36 -16.98 -3.23
CA ASN A 19 -20.69 -17.29 -3.69
C ASN A 19 -20.77 -18.62 -4.43
N GLY A 20 -19.71 -19.42 -4.36
CA GLY A 20 -19.80 -20.83 -4.66
C GLY A 20 -19.63 -21.59 -3.37
N LEU A 21 -19.22 -20.88 -2.31
CA LEU A 21 -19.04 -21.51 -1.01
C LEU A 21 -20.27 -21.42 -0.14
N ALA A 22 -21.15 -20.45 -0.41
CA ALA A 22 -22.53 -20.52 0.08
C ALA A 22 -23.27 -21.71 -0.55
N GLU A 23 -23.13 -21.88 -1.87
CA GLU A 23 -23.82 -22.94 -2.60
C GLU A 23 -23.57 -24.31 -1.95
N VAL A 24 -22.30 -24.67 -1.77
CA VAL A 24 -21.99 -25.93 -1.14
C VAL A 24 -22.52 -25.98 0.29
N GLY A 25 -22.76 -24.82 0.90
CA GLY A 25 -23.41 -24.81 2.20
C GLY A 25 -24.81 -25.38 2.13
N LYS A 26 -25.54 -25.08 1.05
CA LYS A 26 -26.92 -25.53 0.90
C LYS A 26 -27.02 -26.91 0.26
N LYS A 27 -25.99 -27.35 -0.45
CA LYS A 27 -25.83 -28.77 -0.76
C LYS A 27 -25.30 -29.54 0.45
N PHE A 28 -25.27 -28.89 1.61
CA PHE A 28 -24.83 -29.50 2.87
C PHE A 28 -25.94 -29.50 3.92
N GLU A 29 -26.58 -28.36 4.16
CA GLU A 29 -27.73 -28.31 5.05
C GLU A 29 -28.86 -29.17 4.52
N LYS A 30 -29.15 -29.05 3.24
CA LYS A 30 -30.21 -29.82 2.60
C LYS A 30 -29.85 -31.26 2.42
N ASP A 31 -28.77 -31.73 3.05
CA ASP A 31 -28.36 -33.13 3.04
C ASP A 31 -28.19 -33.73 4.42
N THR A 32 -27.64 -32.96 5.37
CA THR A 32 -27.11 -33.53 6.60
C THR A 32 -27.50 -32.79 7.87
N GLY A 33 -28.37 -31.79 7.78
CA GLY A 33 -28.77 -31.07 8.98
C GLY A 33 -27.66 -30.28 9.63
N ILE A 34 -26.83 -29.62 8.82
CA ILE A 34 -25.82 -28.68 9.30
C ILE A 34 -25.79 -27.51 8.31
N LYS A 35 -26.39 -26.37 8.69
CA LYS A 35 -26.38 -25.21 7.83
C LYS A 35 -24.95 -24.69 7.68
N VAL A 36 -24.63 -24.19 6.48
CA VAL A 36 -23.32 -23.61 6.23
C VAL A 36 -23.45 -22.28 5.52
N THR A 37 -23.47 -21.19 6.30
CA THR A 37 -23.59 -19.85 5.76
C THR A 37 -22.24 -19.17 5.87
N VAL A 38 -21.75 -18.64 4.74
CA VAL A 38 -20.33 -18.32 4.49
C VAL A 38 -20.08 -16.81 4.51
N GLU A 39 -19.02 -16.41 5.20
CA GLU A 39 -18.70 -15.00 5.39
C GLU A 39 -17.51 -14.58 4.53
N HIS A 40 -17.26 -13.27 4.51
CA HIS A 40 -16.10 -12.71 3.82
C HIS A 40 -15.63 -11.45 4.56
N PRO A 41 -14.99 -11.62 5.71
CA PRO A 41 -14.52 -10.47 6.49
C PRO A 41 -13.44 -9.65 5.77
N ASP A 42 -13.24 -8.44 6.29
CA ASP A 42 -12.19 -7.54 5.83
C ASP A 42 -11.02 -7.64 6.77
N LYS A 43 -9.80 -7.70 6.19
CA LYS A 43 -8.54 -7.88 6.93
C LYS A 43 -8.46 -9.24 7.61
N LEU A 44 -9.12 -10.26 7.05
CA LEU A 44 -9.37 -11.48 7.82
C LEU A 44 -8.10 -12.20 8.17
N GLU A 45 -6.99 -11.90 7.47
CA GLU A 45 -5.69 -12.45 7.78
C GLU A 45 -5.03 -11.78 8.98
N GLU A 46 -5.38 -10.54 9.31
CA GLU A 46 -4.72 -9.84 10.40
C GLU A 46 -5.59 -9.68 11.63
N LYS A 47 -6.84 -10.14 11.56
CA LYS A 47 -7.68 -10.28 12.76
C LYS A 47 -7.66 -11.70 13.31
N PHE A 48 -7.48 -12.69 12.44
CA PHE A 48 -7.33 -14.09 12.84
C PHE A 48 -6.25 -14.28 13.89
N PRO A 49 -5.18 -13.46 13.93
CA PRO A 49 -4.31 -13.51 15.10
C PRO A 49 -5.01 -13.08 16.38
N GLN A 50 -5.57 -11.86 16.39
CA GLN A 50 -6.04 -11.23 17.63
C GLN A 50 -7.41 -11.74 18.11
N VAL A 51 -7.95 -12.81 17.52
CA VAL A 51 -9.24 -13.34 17.93
C VAL A 51 -9.13 -14.83 18.22
N ALA A 52 -8.18 -15.50 17.58
CA ALA A 52 -7.83 -16.89 17.90
C ALA A 52 -6.90 -16.97 19.10
N ALA A 53 -6.38 -15.83 19.55
CA ALA A 53 -5.80 -15.63 20.87
C ALA A 53 -6.88 -15.40 21.94
N THR A 54 -8.15 -15.37 21.54
CA THR A 54 -9.31 -15.28 22.43
C THR A 54 -10.26 -16.44 22.20
N GLY A 55 -9.77 -17.53 21.61
CA GLY A 55 -10.59 -18.71 21.39
C GLY A 55 -11.74 -18.53 20.43
N ASP A 56 -11.80 -17.41 19.71
CA ASP A 56 -12.88 -17.15 18.75
C ASP A 56 -12.30 -17.10 17.33
N GLY A 57 -13.03 -17.69 16.40
CA GLY A 57 -12.71 -17.60 14.99
C GLY A 57 -13.75 -18.37 14.20
N PRO A 58 -13.74 -18.24 12.87
CA PRO A 58 -14.62 -19.08 12.06
C PRO A 58 -14.26 -20.55 12.27
N ASP A 59 -15.03 -21.43 11.65
CA ASP A 59 -14.70 -22.84 11.81
C ASP A 59 -13.55 -23.29 10.90
N ILE A 60 -13.32 -22.60 9.79
CA ILE A 60 -12.22 -22.91 8.86
C ILE A 60 -11.77 -21.61 8.19
N ILE A 61 -10.45 -21.34 8.18
CA ILE A 61 -9.89 -20.08 7.67
C ILE A 61 -9.17 -20.32 6.34
N PHE A 62 -9.48 -19.50 5.34
CA PHE A 62 -8.96 -19.64 3.99
C PHE A 62 -8.05 -18.47 3.64
N TRP A 63 -6.85 -18.81 3.18
CA TRP A 63 -5.87 -17.81 2.79
C TRP A 63 -4.79 -18.51 2.01
N ALA A 64 -4.00 -17.72 1.30
CA ALA A 64 -2.75 -18.25 0.77
C ALA A 64 -1.92 -18.83 1.91
N HIS A 65 -1.27 -19.95 1.63
CA HIS A 65 -0.53 -20.72 2.64
C HIS A 65 0.55 -19.93 3.40
N ASP A 66 0.89 -18.70 2.98
CA ASP A 66 2.06 -18.02 3.53
C ASP A 66 1.83 -17.39 4.89
N ARG A 67 0.59 -17.01 5.22
CA ARG A 67 0.31 -16.56 6.59
C ARG A 67 0.21 -17.74 7.55
N PHE A 68 -0.51 -18.80 7.13
CA PHE A 68 -0.88 -19.95 7.95
C PHE A 68 0.28 -20.44 8.79
N GLY A 69 1.50 -20.35 8.27
CA GLY A 69 2.64 -20.82 9.01
C GLY A 69 3.03 -19.91 10.14
N GLY A 70 2.50 -18.70 10.16
CA GLY A 70 2.55 -17.93 11.39
C GLY A 70 1.51 -18.35 12.39
N TYR A 71 0.51 -19.08 11.92
CA TYR A 71 -0.57 -19.65 12.72
C TYR A 71 -0.21 -21.01 13.29
N ALA A 72 1.05 -21.38 13.15
CA ALA A 72 1.69 -22.47 13.88
C ALA A 72 2.63 -21.95 14.94
N GLN A 73 3.18 -20.75 14.75
CA GLN A 73 4.04 -20.09 15.72
C GLN A 73 3.23 -19.35 16.77
N SER A 74 1.91 -19.52 16.76
CA SER A 74 1.05 -19.16 17.88
C SER A 74 -0.02 -20.24 18.12
N GLY A 75 0.13 -21.41 17.52
CA GLY A 75 -0.77 -22.54 17.71
C GLY A 75 -2.20 -22.36 17.22
N LEU A 76 -2.48 -21.31 16.44
CA LEU A 76 -3.86 -20.97 16.08
C LEU A 76 -4.51 -22.01 15.17
N LEU A 77 -3.71 -22.86 14.50
CA LEU A 77 -4.26 -23.86 13.59
C LEU A 77 -4.08 -25.25 14.17
N ALA A 78 -4.99 -26.13 13.77
CA ALA A 78 -5.06 -27.51 14.22
C ALA A 78 -4.37 -28.43 13.21
N GLU A 79 -3.70 -29.45 13.72
CA GLU A 79 -3.19 -30.52 12.91
C GLU A 79 -4.31 -31.15 12.07
N ILE A 80 -3.93 -31.89 11.04
CA ILE A 80 -4.87 -32.41 10.03
C ILE A 80 -4.30 -33.72 9.48
N THR A 81 -5.18 -34.71 9.19
CA THR A 81 -4.72 -36.00 8.66
C THR A 81 -5.78 -36.79 7.89
N PRO A 82 -5.72 -36.81 6.54
CA PRO A 82 -6.55 -37.74 5.76
C PRO A 82 -5.91 -39.08 5.41
N ALA A 83 -6.60 -39.86 4.57
CA ALA A 83 -6.21 -41.21 4.19
C ALA A 83 -5.51 -41.21 2.84
N ALA A 84 -5.02 -42.39 2.43
CA ALA A 84 -4.19 -42.47 1.22
C ALA A 84 -5.01 -42.33 -0.05
N ALA A 85 -6.23 -42.88 -0.07
CA ALA A 85 -7.13 -42.74 -1.21
C ALA A 85 -7.60 -41.31 -1.39
N PHE A 86 -7.10 -40.42 -0.57
CA PHE A 86 -7.41 -39.00 -0.57
C PHE A 86 -6.17 -38.12 -0.74
N GLN A 87 -5.07 -38.45 -0.08
CA GLN A 87 -3.80 -37.83 -0.39
C GLN A 87 -3.24 -38.28 -1.73
N ASP A 88 -3.85 -39.30 -2.35
CA ASP A 88 -3.66 -39.59 -3.77
C ASP A 88 -4.63 -38.80 -4.64
N LYS A 89 -5.76 -38.33 -4.07
CA LYS A 89 -6.81 -37.61 -4.80
C LYS A 89 -6.42 -36.17 -5.12
N LEU A 90 -5.49 -35.60 -4.37
CA LEU A 90 -4.87 -34.36 -4.77
C LEU A 90 -3.40 -34.64 -5.06
N TYR A 91 -2.65 -33.53 -5.42
CA TYR A 91 -1.26 -33.47 -5.83
C TYR A 91 -0.34 -33.30 -4.62
N PRO A 92 0.72 -34.10 -4.47
CA PRO A 92 1.50 -34.08 -3.22
C PRO A 92 2.37 -32.85 -2.99
N PHE A 93 2.56 -32.01 -4.01
CA PHE A 93 3.39 -30.84 -3.81
C PHE A 93 2.67 -29.70 -3.13
N THR A 94 1.34 -29.72 -3.14
CA THR A 94 0.43 -28.86 -2.39
C THR A 94 0.23 -29.35 -0.95
N TRP A 95 0.26 -30.66 -0.75
CA TRP A 95 0.47 -31.14 0.60
C TRP A 95 1.77 -30.57 1.16
N ASP A 96 2.76 -30.33 0.29
CA ASP A 96 4.04 -29.81 0.77
C ASP A 96 3.98 -28.34 1.16
N ALA A 97 2.98 -27.60 0.67
CA ALA A 97 2.82 -26.17 0.99
C ALA A 97 2.33 -25.96 2.41
N VAL A 98 1.43 -26.83 2.90
CA VAL A 98 0.84 -26.68 4.24
C VAL A 98 1.67 -27.37 5.31
N ARG A 99 2.53 -28.31 4.92
CA ARG A 99 3.46 -28.92 5.86
C ARG A 99 4.30 -27.85 6.54
N TYR A 100 4.36 -27.93 7.86
CA TYR A 100 5.24 -27.11 8.69
C TYR A 100 5.65 -27.96 9.89
N ASN A 101 6.95 -28.19 10.03
CA ASN A 101 7.46 -29.00 11.13
C ASN A 101 6.76 -30.36 11.15
N GLY A 102 6.62 -30.95 9.98
CA GLY A 102 5.91 -32.20 9.84
C GLY A 102 4.41 -32.02 9.94
N LYS A 103 3.94 -31.45 11.04
CA LYS A 103 2.51 -31.33 11.30
C LYS A 103 1.86 -30.62 10.14
N LEU A 104 1.05 -31.34 9.36
CA LEU A 104 0.42 -30.75 8.25
C LEU A 104 -0.69 -29.88 8.84
N ILE A 105 -0.64 -28.59 8.59
CA ILE A 105 -1.58 -27.73 9.25
C ILE A 105 -2.66 -27.01 8.37
N ALA A 106 -3.06 -27.61 7.24
CA ALA A 106 -4.21 -27.13 6.47
C ALA A 106 -4.49 -27.95 5.21
N TYR A 107 -5.52 -27.57 4.47
CA TYR A 107 -6.02 -28.27 3.28
C TYR A 107 -5.70 -27.53 1.99
N PRO A 108 -4.92 -28.12 1.08
CA PRO A 108 -4.68 -27.46 -0.22
C PRO A 108 -5.88 -27.48 -1.15
N ILE A 109 -6.52 -26.32 -1.31
CA ILE A 109 -7.65 -26.22 -2.22
C ILE A 109 -7.20 -25.98 -3.66
N ALA A 110 -6.39 -24.95 -3.91
CA ALA A 110 -5.99 -24.61 -5.29
C ALA A 110 -4.75 -23.71 -5.27
N VAL A 111 -4.27 -23.37 -6.48
CA VAL A 111 -2.92 -22.84 -6.66
C VAL A 111 -3.03 -21.59 -7.53
N GLU A 112 -2.86 -20.44 -6.91
CA GLU A 112 -3.08 -19.15 -7.56
C GLU A 112 -1.79 -18.70 -8.24
N ALA A 113 -1.92 -17.74 -9.17
CA ALA A 113 -0.78 -17.15 -9.84
C ALA A 113 -1.15 -15.94 -10.67
N LEU A 114 -0.46 -14.84 -10.50
CA LEU A 114 -0.75 -13.67 -11.34
C LEU A 114 -0.37 -13.91 -12.81
N SER A 115 -1.33 -13.70 -13.73
CA SER A 115 -1.19 -13.94 -15.17
C SER A 115 -1.58 -12.67 -15.92
N LEU A 116 -0.82 -12.29 -16.95
CA LEU A 116 -1.02 -10.99 -17.63
C LEU A 116 -2.20 -11.04 -18.59
N ILE A 117 -3.14 -10.10 -18.40
CA ILE A 117 -4.38 -10.01 -19.18
C ILE A 117 -4.35 -8.73 -20.04
N TYR A 118 -4.55 -8.90 -21.35
CA TYR A 118 -4.53 -7.83 -22.34
C TYR A 118 -5.87 -7.78 -23.11
N ASN A 119 -5.94 -6.92 -24.13
CA ASN A 119 -7.14 -6.74 -24.95
C ASN A 119 -6.80 -7.15 -26.39
N LYS A 120 -7.43 -8.23 -26.87
CA LYS A 120 -7.19 -8.75 -28.20
C LYS A 120 -7.86 -7.93 -29.28
N ASP A 121 -8.87 -7.14 -28.90
CA ASP A 121 -9.45 -6.18 -29.84
C ASP A 121 -8.45 -5.07 -30.14
N LEU A 122 -7.69 -4.64 -29.13
CA LEU A 122 -6.70 -3.58 -29.29
C LEU A 122 -5.37 -4.11 -29.80
N LEU A 123 -4.92 -5.25 -29.27
CA LEU A 123 -3.52 -5.66 -29.38
C LEU A 123 -3.35 -6.97 -30.15
N PRO A 124 -2.79 -6.94 -31.37
CA PRO A 124 -2.57 -8.20 -32.09
C PRO A 124 -1.83 -9.23 -31.24
N ASN A 125 -0.68 -8.85 -30.68
CA ASN A 125 0.09 -9.70 -29.77
C ASN A 125 0.68 -8.83 -28.68
N PRO A 126 0.65 -9.28 -27.41
CA PRO A 126 1.15 -8.45 -26.32
C PRO A 126 2.66 -8.32 -26.36
N PRO A 127 3.22 -7.42 -25.56
CA PRO A 127 4.69 -7.33 -25.46
C PRO A 127 5.22 -8.37 -24.50
N LYS A 128 5.91 -9.36 -25.04
CA LYS A 128 6.48 -10.39 -24.19
C LYS A 128 7.69 -9.89 -23.40
N THR A 129 8.16 -8.67 -23.61
CA THR A 129 9.25 -8.08 -22.83
C THR A 129 8.82 -6.76 -22.23
N TRP A 130 9.19 -6.55 -20.96
CA TRP A 130 8.65 -5.43 -20.20
C TRP A 130 9.05 -4.08 -20.77
N GLU A 131 10.19 -4.01 -21.45
CA GLU A 131 10.68 -2.75 -21.99
C GLU A 131 9.95 -2.34 -23.27
N GLU A 132 9.25 -3.30 -23.91
CA GLU A 132 8.41 -3.05 -25.07
C GLU A 132 7.25 -2.14 -24.74
N ILE A 133 6.84 -2.09 -23.48
CA ILE A 133 5.55 -1.54 -23.06
C ILE A 133 5.53 -0.01 -23.09
N PRO A 134 6.59 0.71 -22.64
CA PRO A 134 6.54 2.18 -22.72
C PRO A 134 6.43 2.68 -24.14
N ALA A 135 6.91 1.91 -25.12
CA ALA A 135 6.72 2.24 -26.53
C ALA A 135 5.29 1.98 -26.99
N LEU A 136 4.46 1.31 -26.18
CA LEU A 136 3.07 1.06 -26.52
C LEU A 136 2.09 1.94 -25.74
N ASP A 137 2.51 2.54 -24.62
CA ASP A 137 1.64 3.52 -23.98
C ASP A 137 1.62 4.84 -24.74
N LYS A 138 2.79 5.33 -25.18
CA LYS A 138 2.84 6.55 -25.96
C LYS A 138 2.24 6.37 -27.36
N GLU A 139 2.04 5.14 -27.81
CA GLU A 139 1.21 4.88 -28.98
C GLU A 139 -0.28 4.97 -28.62
N LEU A 140 -0.72 4.14 -27.67
CA LEU A 140 -2.09 4.21 -27.17
C LEU A 140 -2.42 5.52 -26.48
N LYS A 141 -1.43 6.38 -26.20
CA LYS A 141 -1.64 7.73 -25.67
C LYS A 141 -2.09 8.70 -26.74
N ALA A 142 -2.39 8.10 -27.90
CA ALA A 142 -3.00 8.78 -29.03
C ALA A 142 -4.37 8.22 -29.39
N LYS A 143 -4.58 6.91 -29.21
CA LYS A 143 -5.85 6.28 -29.56
C LYS A 143 -6.96 6.61 -28.56
N GLY A 144 -6.62 7.28 -27.46
CA GLY A 144 -7.59 7.56 -26.41
C GLY A 144 -7.62 6.57 -25.28
N LYS A 145 -6.69 5.62 -25.23
CA LYS A 145 -6.65 4.57 -24.23
C LYS A 145 -5.30 4.60 -23.51
N SER A 146 -5.11 3.67 -22.55
CA SER A 146 -3.90 3.46 -21.77
C SER A 146 -3.22 2.14 -22.16
N ALA A 147 -2.18 1.78 -21.42
CA ALA A 147 -1.46 0.53 -21.69
C ALA A 147 -1.62 -0.52 -20.59
N LEU A 148 -1.46 -0.16 -19.32
CA LEU A 148 -1.48 -1.15 -18.25
C LEU A 148 -1.97 -0.53 -16.94
N MET A 149 -2.82 -1.26 -16.21
CA MET A 149 -3.16 -0.98 -14.82
C MET A 149 -3.38 -2.28 -14.05
N PHE A 150 -2.84 -2.34 -12.83
CA PHE A 150 -3.11 -3.41 -11.90
C PHE A 150 -3.02 -2.84 -10.49
N ASN A 151 -3.30 -3.66 -9.48
CA ASN A 151 -3.18 -3.17 -8.11
C ASN A 151 -1.76 -2.70 -7.82
N LEU A 152 -1.56 -1.39 -7.76
CA LEU A 152 -0.27 -0.86 -7.35
C LEU A 152 -0.18 -0.68 -5.84
N GLN A 153 -1.07 -1.33 -5.09
CA GLN A 153 -1.14 -1.13 -3.63
C GLN A 153 -0.85 -2.37 -2.82
N GLU A 154 -1.22 -3.61 -3.30
CA GLU A 154 -0.63 -4.73 -2.56
C GLU A 154 0.60 -5.28 -3.29
N PRO A 155 1.73 -5.44 -2.58
CA PRO A 155 2.98 -5.81 -3.24
C PRO A 155 2.96 -7.12 -3.98
N TYR A 156 1.99 -8.01 -3.70
CA TYR A 156 1.78 -9.22 -4.49
C TYR A 156 1.87 -8.94 -6.01
N PHE A 157 1.31 -7.83 -6.49
CA PHE A 157 1.19 -7.58 -7.92
C PHE A 157 2.50 -7.05 -8.53
N THR A 158 3.23 -6.23 -7.79
CA THR A 158 4.52 -5.78 -8.28
C THR A 158 5.60 -6.86 -8.16
N TRP A 159 5.45 -7.81 -7.25
CA TRP A 159 6.55 -8.73 -6.96
C TRP A 159 7.07 -9.52 -8.17
N PRO A 160 6.27 -9.90 -9.17
CA PRO A 160 6.86 -10.51 -10.38
C PRO A 160 7.92 -9.65 -11.05
N LEU A 161 7.64 -8.38 -11.29
CA LEU A 161 8.61 -7.50 -11.93
C LEU A 161 9.87 -7.41 -11.09
N ILE A 162 9.74 -6.99 -9.83
CA ILE A 162 10.88 -6.92 -8.92
C ILE A 162 11.72 -8.19 -8.93
N ALA A 163 11.10 -9.33 -9.20
CA ALA A 163 11.80 -10.58 -8.92
C ALA A 163 12.54 -11.10 -10.13
N ALA A 164 12.21 -10.56 -11.32
CA ALA A 164 12.68 -11.12 -12.59
C ALA A 164 14.19 -11.08 -12.73
N ASP A 165 14.80 -9.90 -12.52
CA ASP A 165 16.25 -9.70 -12.47
C ASP A 165 16.82 -10.08 -11.09
N GLY A 166 16.05 -10.75 -10.25
CA GLY A 166 16.66 -11.36 -9.08
C GLY A 166 16.43 -10.74 -7.71
N GLY A 167 15.28 -10.08 -7.49
CA GLY A 167 14.85 -9.84 -6.13
C GLY A 167 14.30 -11.13 -5.55
N TYR A 168 14.51 -11.34 -4.25
CA TYR A 168 13.93 -12.50 -3.60
C TYR A 168 13.57 -12.19 -2.15
N ALA A 169 12.70 -13.04 -1.59
CA ALA A 169 12.34 -12.87 -0.17
C ALA A 169 13.43 -13.43 0.74
N PHE A 170 13.58 -14.76 0.79
CA PHE A 170 14.59 -15.37 1.65
C PHE A 170 15.29 -16.46 0.89
N LYS A 171 16.61 -16.45 0.92
CA LYS A 171 17.37 -17.47 0.22
C LYS A 171 17.24 -18.79 0.95
N TYR A 172 16.88 -19.82 0.20
CA TYR A 172 16.85 -21.17 0.72
C TYR A 172 18.23 -21.75 0.52
N ALA A 173 18.72 -22.48 1.52
CA ALA A 173 20.12 -22.89 1.55
C ALA A 173 20.19 -24.22 2.29
N ALA A 174 20.27 -25.32 1.53
CA ALA A 174 20.52 -26.67 2.07
C ALA A 174 19.61 -27.00 3.25
N GLY A 175 18.31 -26.71 3.07
CA GLY A 175 17.32 -27.12 4.05
C GLY A 175 16.44 -26.00 4.60
N LYS A 176 17.03 -24.84 4.88
CA LYS A 176 16.30 -23.76 5.52
C LYS A 176 16.36 -22.50 4.65
N TYR A 177 15.43 -21.57 4.91
CA TYR A 177 15.58 -20.21 4.43
C TYR A 177 16.50 -19.45 5.38
N ASP A 178 17.39 -18.63 4.84
CA ASP A 178 18.25 -17.82 5.70
C ASP A 178 17.63 -16.45 5.90
N ILE A 179 17.12 -16.24 7.12
CA ILE A 179 16.44 -15.01 7.53
C ILE A 179 17.39 -13.84 7.69
N LYS A 180 18.70 -14.08 7.55
CA LYS A 180 19.68 -13.02 7.37
C LYS A 180 19.95 -12.74 5.90
N ASP A 181 19.53 -13.62 5.00
CA ASP A 181 19.75 -13.41 3.59
C ASP A 181 18.41 -13.08 2.94
N VAL A 182 18.01 -11.84 3.06
CA VAL A 182 16.87 -11.30 2.34
C VAL A 182 17.44 -10.76 1.04
N GLY A 183 16.63 -10.78 -0.01
CA GLY A 183 17.04 -10.31 -1.31
C GLY A 183 16.17 -9.20 -1.87
N VAL A 184 15.77 -8.23 -1.03
CA VAL A 184 14.84 -7.20 -1.53
C VAL A 184 15.58 -5.91 -1.86
N ASP A 185 16.70 -5.64 -1.20
CA ASP A 185 17.52 -4.52 -1.60
C ASP A 185 18.69 -4.93 -2.49
N ASN A 186 18.65 -6.13 -3.10
CA ASN A 186 19.70 -6.52 -4.03
C ASN A 186 19.58 -5.72 -5.33
N ALA A 187 20.46 -6.05 -6.28
CA ALA A 187 20.53 -5.39 -7.58
C ALA A 187 19.23 -5.48 -8.40
N GLY A 188 18.87 -6.66 -8.91
CA GLY A 188 17.71 -6.77 -9.79
C GLY A 188 16.35 -6.57 -9.13
N ALA A 189 16.33 -6.50 -7.79
CA ALA A 189 15.23 -5.85 -7.09
C ALA A 189 15.10 -4.41 -7.56
N LYS A 190 16.18 -3.63 -7.36
CA LYS A 190 16.21 -2.20 -7.72
C LYS A 190 15.90 -1.99 -9.20
N ALA A 191 16.31 -2.93 -10.07
CA ALA A 191 15.94 -2.83 -11.48
C ALA A 191 14.40 -2.80 -11.62
N GLY A 192 13.72 -3.83 -11.08
CA GLY A 192 12.28 -3.93 -11.30
C GLY A 192 11.52 -2.75 -10.69
N LEU A 193 11.83 -2.41 -9.44
CA LEU A 193 11.16 -1.31 -8.79
C LEU A 193 11.33 -0.02 -9.56
N THR A 194 12.60 0.32 -9.88
CA THR A 194 12.92 1.46 -10.74
C THR A 194 12.15 1.40 -12.07
N PHE A 195 12.08 0.23 -12.70
CA PHE A 195 11.41 0.20 -13.99
C PHE A 195 9.94 0.56 -13.86
N LEU A 196 9.32 0.17 -12.73
CA LEU A 196 7.90 0.39 -12.50
C LEU A 196 7.62 1.87 -12.23
N VAL A 197 8.39 2.47 -11.33
CA VAL A 197 8.37 3.89 -11.04
C VAL A 197 8.22 4.73 -12.30
N ASP A 198 9.04 4.42 -13.31
CA ASP A 198 9.06 5.24 -14.51
C ASP A 198 7.71 5.22 -15.20
N LEU A 199 7.04 4.08 -15.19
CA LEU A 199 5.85 3.92 -16.03
C LEU A 199 4.70 4.78 -15.52
N ILE A 200 4.42 4.73 -14.21
CA ILE A 200 3.53 5.72 -13.61
C ILE A 200 4.04 7.12 -13.85
N LYS A 201 5.35 7.32 -13.66
CA LYS A 201 5.95 8.63 -13.84
C LYS A 201 5.68 9.17 -15.23
N ASN A 202 5.82 8.34 -16.24
CA ASN A 202 5.57 8.82 -17.59
C ASN A 202 4.09 8.74 -17.96
N LYS A 203 3.23 8.76 -16.95
CA LYS A 203 1.78 8.62 -17.10
C LYS A 203 1.44 7.49 -18.06
N HIS A 204 2.13 6.35 -17.86
CA HIS A 204 1.71 5.08 -18.42
C HIS A 204 0.82 4.30 -17.45
N MET A 205 1.02 4.51 -16.14
CA MET A 205 0.12 4.02 -15.10
C MET A 205 -0.16 5.17 -14.13
N ASN A 206 -0.82 4.87 -13.00
CA ASN A 206 -1.03 5.85 -11.94
C ASN A 206 -0.74 5.21 -10.60
N ALA A 207 0.06 5.91 -9.77
CA ALA A 207 0.48 5.39 -8.47
C ALA A 207 -0.69 5.13 -7.53
N ASP A 208 -1.87 5.68 -7.83
CA ASP A 208 -3.03 5.54 -6.97
C ASP A 208 -3.90 4.33 -7.32
N THR A 209 -3.59 3.63 -8.41
CA THR A 209 -4.37 2.46 -8.79
C THR A 209 -4.32 1.41 -7.69
N ASP A 210 -5.50 0.94 -7.28
CA ASP A 210 -5.73 -0.10 -6.29
C ASP A 210 -6.45 -1.26 -6.97
N TYR A 211 -6.94 -2.21 -6.17
CA TYR A 211 -7.61 -3.35 -6.78
C TYR A 211 -8.83 -2.91 -7.58
N SER A 212 -9.83 -2.32 -6.90
CA SER A 212 -11.11 -2.09 -7.57
C SER A 212 -10.98 -1.15 -8.78
N ILE A 213 -10.02 -0.23 -8.73
CA ILE A 213 -9.90 0.75 -9.81
C ILE A 213 -9.32 0.09 -11.07
N ALA A 214 -8.37 -0.82 -10.89
CA ALA A 214 -7.79 -1.52 -12.03
C ALA A 214 -8.75 -2.57 -12.59
N GLU A 215 -9.50 -3.21 -11.71
CA GLU A 215 -10.56 -4.12 -12.15
C GLU A 215 -11.65 -3.35 -12.88
N ALA A 216 -11.96 -2.15 -12.38
CA ALA A 216 -12.86 -1.25 -13.09
C ALA A 216 -12.29 -0.83 -14.44
N ALA A 217 -11.00 -0.47 -14.48
CA ALA A 217 -10.40 0.14 -15.67
C ALA A 217 -10.37 -0.82 -16.85
N PHE A 218 -9.77 -2.01 -16.64
CA PHE A 218 -9.59 -2.96 -17.73
C PHE A 218 -10.90 -3.50 -18.27
N ASN A 219 -11.92 -3.64 -17.41
CA ASN A 219 -13.23 -4.20 -17.80
C ASN A 219 -14.12 -3.18 -18.50
N LYS A 220 -14.21 -1.96 -17.98
CA LYS A 220 -14.81 -0.90 -18.77
C LYS A 220 -14.02 -0.69 -20.06
N GLY A 221 -12.71 -0.96 -20.01
CA GLY A 221 -11.92 -1.05 -21.21
C GLY A 221 -11.08 0.16 -21.59
N GLU A 222 -10.89 1.12 -20.67
CA GLU A 222 -10.00 2.24 -20.97
C GLU A 222 -8.59 1.74 -21.22
N THR A 223 -7.98 1.14 -20.21
CA THR A 223 -6.60 0.70 -20.31
C THR A 223 -6.51 -0.60 -21.12
N ALA A 224 -5.34 -0.83 -21.70
CA ALA A 224 -5.11 -1.95 -22.61
C ALA A 224 -4.79 -3.28 -21.90
N MET A 225 -4.26 -3.27 -20.68
CA MET A 225 -3.90 -4.51 -20.03
C MET A 225 -4.21 -4.41 -18.53
N THR A 226 -4.09 -5.56 -17.85
CA THR A 226 -4.13 -5.67 -16.39
C THR A 226 -3.32 -6.90 -15.99
N ILE A 227 -3.25 -7.17 -14.69
CA ILE A 227 -2.69 -8.41 -14.16
C ILE A 227 -3.52 -8.84 -12.97
N ASN A 228 -3.92 -10.11 -12.92
CA ASN A 228 -4.55 -10.61 -11.71
C ASN A 228 -4.40 -12.11 -11.57
N GLY A 229 -5.03 -12.62 -10.49
CA GLY A 229 -5.28 -14.01 -10.28
C GLY A 229 -6.44 -14.50 -11.08
N PRO A 230 -6.75 -15.79 -10.95
CA PRO A 230 -7.88 -16.36 -11.69
C PRO A 230 -9.22 -16.07 -11.04
N TRP A 231 -9.24 -15.65 -9.77
CA TRP A 231 -10.43 -15.16 -9.10
C TRP A 231 -11.07 -13.98 -9.83
N ALA A 232 -10.32 -13.32 -10.70
CA ALA A 232 -10.74 -12.05 -11.29
C ALA A 232 -11.26 -12.18 -12.72
N TRP A 233 -11.02 -13.31 -13.39
CA TRP A 233 -11.62 -13.52 -14.70
C TRP A 233 -13.13 -13.45 -14.59
N SER A 234 -13.66 -13.78 -13.41
CA SER A 234 -15.08 -13.82 -13.14
C SER A 234 -15.78 -12.52 -13.58
N ASN A 235 -15.35 -11.39 -13.02
CA ASN A 235 -15.92 -10.11 -13.38
C ASN A 235 -15.54 -9.65 -14.78
N ILE A 236 -14.55 -10.29 -15.42
CA ILE A 236 -14.26 -10.01 -16.82
C ILE A 236 -15.03 -10.96 -17.74
N ASP A 237 -15.20 -12.22 -17.31
CA ASP A 237 -16.25 -13.06 -17.88
C ASP A 237 -17.58 -12.35 -17.77
N THR A 238 -17.81 -11.67 -16.65
CA THR A 238 -19.09 -11.03 -16.41
C THR A 238 -19.28 -9.81 -17.31
N SER A 239 -18.26 -8.96 -17.44
CA SER A 239 -18.30 -7.89 -18.42
C SER A 239 -17.98 -8.49 -19.79
N ALA A 240 -17.70 -7.65 -20.79
CA ALA A 240 -17.65 -8.12 -22.17
C ALA A 240 -16.38 -7.65 -22.90
N VAL A 241 -15.19 -7.87 -22.28
CA VAL A 241 -13.91 -7.55 -22.91
C VAL A 241 -13.29 -8.83 -23.44
N ASN A 242 -12.73 -8.75 -24.65
CA ASN A 242 -12.05 -9.89 -25.27
C ASN A 242 -10.56 -9.84 -24.87
N TYR A 243 -10.11 -10.83 -24.13
CA TYR A 243 -8.75 -10.81 -23.63
C TYR A 243 -7.94 -12.02 -24.09
N GLY A 244 -6.65 -11.94 -23.81
CA GLY A 244 -5.82 -13.12 -23.69
C GLY A 244 -5.50 -13.28 -22.21
N VAL A 245 -4.83 -14.38 -21.90
CA VAL A 245 -4.29 -14.60 -20.56
C VAL A 245 -2.92 -15.23 -20.79
N THR A 246 -1.86 -14.44 -20.70
CA THR A 246 -0.56 -14.87 -21.18
C THR A 246 0.48 -14.86 -20.07
N VAL A 247 1.65 -15.41 -20.39
CA VAL A 247 2.82 -15.18 -19.56
C VAL A 247 3.04 -13.68 -19.39
N LEU A 248 3.46 -13.27 -18.20
CA LEU A 248 3.82 -11.87 -18.01
C LEU A 248 5.01 -11.54 -18.91
N PRO A 249 5.22 -10.27 -19.23
CA PRO A 249 6.37 -9.92 -20.08
C PRO A 249 7.68 -10.24 -19.36
N THR A 250 8.73 -10.36 -20.15
CA THR A 250 10.04 -10.67 -19.59
C THR A 250 10.81 -9.37 -19.41
N PHE A 251 11.00 -8.99 -18.15
CA PHE A 251 11.82 -7.82 -17.85
C PHE A 251 13.29 -8.21 -17.85
N LYS A 252 14.06 -7.60 -18.77
CA LYS A 252 15.51 -7.80 -18.92
C LYS A 252 15.84 -9.22 -19.42
N GLY A 253 14.97 -9.75 -20.26
CA GLY A 253 15.17 -11.06 -20.85
C GLY A 253 14.86 -12.21 -19.93
N GLN A 254 14.57 -11.91 -18.68
CA GLN A 254 14.25 -12.96 -17.75
C GLN A 254 12.74 -12.94 -17.63
N PRO A 255 12.10 -14.08 -17.35
CA PRO A 255 10.66 -14.07 -17.10
C PRO A 255 10.30 -13.31 -15.84
N SER A 256 9.04 -12.98 -15.73
CA SER A 256 8.48 -12.54 -14.47
C SER A 256 8.18 -13.76 -13.61
N LYS A 257 8.35 -13.60 -12.30
CA LYS A 257 8.31 -14.70 -11.33
C LYS A 257 7.29 -14.35 -10.26
N PRO A 258 6.04 -14.75 -10.42
CA PRO A 258 5.10 -14.49 -9.35
C PRO A 258 5.32 -15.46 -8.20
N PHE A 259 5.18 -14.90 -6.97
CA PHE A 259 4.94 -15.71 -5.79
C PHE A 259 3.69 -16.54 -5.95
N VAL A 260 3.87 -17.84 -5.92
CA VAL A 260 2.76 -18.75 -6.06
C VAL A 260 2.13 -19.01 -4.71
N GLY A 261 0.83 -18.79 -4.64
CA GLY A 261 0.04 -19.04 -3.44
C GLY A 261 -0.72 -20.34 -3.56
N VAL A 262 -0.75 -21.08 -2.48
CA VAL A 262 -1.66 -22.20 -2.34
C VAL A 262 -2.82 -21.72 -1.49
N LEU A 263 -4.01 -21.66 -2.08
CA LEU A 263 -5.20 -21.40 -1.29
C LEU A 263 -5.40 -22.59 -0.37
N SER A 264 -5.38 -22.32 0.92
CA SER A 264 -5.35 -23.38 1.91
C SER A 264 -6.45 -23.12 2.92
N ALA A 265 -6.90 -24.21 3.56
CA ALA A 265 -7.93 -24.20 4.60
C ALA A 265 -7.36 -24.76 5.90
N GLY A 266 -6.94 -23.89 6.82
CA GLY A 266 -6.60 -24.29 8.16
C GLY A 266 -7.85 -24.72 8.91
N ILE A 267 -7.71 -24.84 10.24
CA ILE A 267 -8.82 -25.20 11.15
C ILE A 267 -8.53 -24.61 12.54
N ASN A 268 -9.55 -23.96 13.14
CA ASN A 268 -9.33 -23.11 14.31
C ASN A 268 -8.66 -23.88 15.44
N ALA A 269 -7.84 -23.16 16.22
CA ALA A 269 -7.08 -23.69 17.36
C ALA A 269 -7.95 -24.38 18.41
N ALA A 270 -8.78 -23.57 19.07
CA ALA A 270 -9.56 -23.99 20.22
C ALA A 270 -10.92 -24.53 19.81
N SER A 271 -11.02 -25.09 18.61
CA SER A 271 -12.33 -25.48 18.07
C SER A 271 -12.71 -26.90 18.50
N PRO A 272 -13.86 -27.09 19.14
CA PRO A 272 -14.45 -28.45 19.25
C PRO A 272 -15.18 -28.88 18.00
N ASN A 273 -15.34 -28.00 17.01
CA ASN A 273 -15.90 -28.31 15.70
C ASN A 273 -14.90 -28.99 14.77
N LYS A 274 -13.70 -29.33 15.26
CA LYS A 274 -12.66 -29.90 14.41
C LYS A 274 -13.15 -31.13 13.64
N GLU A 275 -14.13 -31.85 14.20
CA GLU A 275 -14.71 -33.02 13.53
C GLU A 275 -15.55 -32.63 12.33
N LEU A 276 -16.53 -31.75 12.54
CA LEU A 276 -17.37 -31.24 11.46
C LEU A 276 -16.57 -30.47 10.39
N ALA A 277 -15.40 -29.92 10.73
CA ALA A 277 -14.63 -29.17 9.75
C ALA A 277 -14.15 -30.06 8.62
N LYS A 278 -13.42 -31.12 8.96
CA LYS A 278 -12.74 -31.97 7.99
C LYS A 278 -13.70 -32.89 7.27
N GLU A 279 -14.99 -32.57 7.32
CA GLU A 279 -16.01 -33.30 6.59
C GLU A 279 -16.52 -32.51 5.39
N PHE A 280 -17.04 -31.31 5.63
CA PHE A 280 -17.38 -30.40 4.54
C PHE A 280 -16.26 -30.36 3.50
N LEU A 281 -15.03 -30.06 3.96
CA LEU A 281 -13.89 -29.75 3.10
C LEU A 281 -13.52 -30.87 2.15
N GLU A 282 -13.76 -32.14 2.49
CA GLU A 282 -13.36 -33.25 1.63
C GLU A 282 -14.48 -33.76 0.73
N ASN A 283 -15.70 -33.86 1.26
CA ASN A 283 -16.78 -34.60 0.58
C ASN A 283 -17.60 -33.76 -0.38
N TYR A 284 -17.91 -32.52 -0.04
CA TYR A 284 -18.79 -31.75 -0.90
C TYR A 284 -18.11 -30.56 -1.57
N LEU A 285 -16.92 -30.16 -1.12
CA LEU A 285 -16.19 -29.07 -1.75
C LEU A 285 -14.98 -29.55 -2.53
N LEU A 286 -14.06 -30.27 -1.87
CA LEU A 286 -12.87 -30.79 -2.54
C LEU A 286 -13.29 -32.06 -3.28
N THR A 287 -14.02 -31.84 -4.37
CA THR A 287 -14.56 -32.84 -5.27
C THR A 287 -14.89 -32.14 -6.57
N ASP A 288 -15.61 -32.80 -7.48
CA ASP A 288 -16.01 -32.11 -8.71
C ASP A 288 -17.25 -31.25 -8.50
N GLU A 289 -18.27 -31.81 -7.81
CA GLU A 289 -19.53 -31.09 -7.63
C GLU A 289 -19.30 -29.81 -6.86
N GLY A 290 -18.37 -29.83 -5.91
CA GLY A 290 -18.12 -28.70 -5.06
C GLY A 290 -17.24 -27.67 -5.71
N LEU A 291 -16.21 -28.16 -6.41
CA LEU A 291 -15.26 -27.25 -7.04
C LEU A 291 -15.84 -26.58 -8.28
N GLU A 292 -16.87 -27.16 -8.90
CA GLU A 292 -17.52 -26.44 -10.00
C GLU A 292 -18.29 -25.21 -9.50
N ALA A 293 -18.91 -25.32 -8.32
CA ALA A 293 -19.70 -24.23 -7.78
C ALA A 293 -18.81 -23.06 -7.37
N VAL A 294 -17.66 -23.33 -6.75
CA VAL A 294 -16.76 -22.25 -6.39
C VAL A 294 -16.00 -21.71 -7.60
N ASN A 295 -16.04 -22.41 -8.73
CA ASN A 295 -15.26 -22.09 -9.93
C ASN A 295 -16.07 -21.50 -11.06
N LYS A 296 -17.35 -21.86 -11.10
CA LYS A 296 -18.33 -21.08 -11.84
C LYS A 296 -18.41 -19.64 -11.33
N ASP A 297 -18.00 -19.40 -10.07
CA ASP A 297 -18.15 -18.05 -9.50
C ASP A 297 -16.87 -17.24 -9.67
N LYS A 298 -15.82 -17.63 -8.97
CA LYS A 298 -14.53 -16.96 -9.09
C LYS A 298 -13.54 -18.08 -9.33
N PRO A 299 -13.00 -18.17 -10.55
CA PRO A 299 -12.09 -19.26 -10.86
C PRO A 299 -10.97 -19.35 -9.85
N LEU A 300 -10.62 -20.57 -9.49
CA LEU A 300 -9.50 -20.82 -8.60
C LEU A 300 -8.21 -21.09 -9.36
N GLY A 301 -8.28 -21.13 -10.70
CA GLY A 301 -7.15 -21.38 -11.56
C GLY A 301 -6.92 -22.87 -11.80
N ALA A 302 -5.96 -23.42 -11.07
CA ALA A 302 -5.69 -24.85 -11.05
C ALA A 302 -6.08 -25.38 -9.68
N VAL A 303 -7.15 -26.14 -9.64
CA VAL A 303 -7.66 -26.73 -8.41
C VAL A 303 -6.77 -27.92 -8.05
N ALA A 304 -6.46 -28.06 -6.76
CA ALA A 304 -5.58 -29.14 -6.36
C ALA A 304 -6.10 -30.51 -6.82
N LEU A 305 -7.42 -30.66 -6.89
CA LEU A 305 -8.03 -31.96 -7.09
C LEU A 305 -7.76 -32.51 -8.49
N LYS A 306 -7.09 -33.66 -8.54
CA LYS A 306 -6.68 -34.25 -9.81
C LYS A 306 -7.86 -34.44 -10.76
N SER A 307 -9.04 -34.78 -10.24
CA SER A 307 -10.17 -34.99 -11.13
C SER A 307 -10.67 -33.68 -11.73
N TYR A 308 -10.62 -32.58 -11.01
CA TYR A 308 -11.08 -31.35 -11.63
C TYR A 308 -9.96 -30.59 -12.33
N GLU A 309 -8.72 -30.68 -11.82
CA GLU A 309 -7.58 -30.05 -12.48
C GLU A 309 -7.47 -30.54 -13.91
N GLU A 310 -7.66 -31.84 -14.10
CA GLU A 310 -7.57 -32.44 -15.41
C GLU A 310 -8.75 -32.05 -16.29
N GLU A 311 -9.86 -31.61 -15.71
CA GLU A 311 -10.93 -31.08 -16.55
C GLU A 311 -10.58 -29.69 -17.06
N LEU A 312 -10.46 -28.71 -16.16
CA LEU A 312 -10.25 -27.33 -16.56
C LEU A 312 -8.85 -27.08 -17.07
N ALA A 313 -8.09 -28.16 -17.30
CA ALA A 313 -6.73 -28.05 -17.82
C ALA A 313 -6.73 -27.69 -19.30
N LYS A 314 -7.74 -28.13 -20.06
CA LYS A 314 -7.84 -27.70 -21.44
C LYS A 314 -7.96 -26.19 -21.54
N ASP A 315 -8.47 -25.52 -20.49
CA ASP A 315 -8.72 -24.08 -20.43
C ASP A 315 -7.43 -23.29 -20.61
N PRO A 316 -7.26 -22.65 -21.77
CA PRO A 316 -5.96 -22.03 -22.09
C PRO A 316 -5.57 -20.88 -21.17
N ARG A 317 -6.52 -20.37 -20.39
CA ARG A 317 -6.21 -19.40 -19.35
C ARG A 317 -5.55 -20.06 -18.15
N ILE A 318 -5.85 -21.33 -17.88
CA ILE A 318 -5.23 -22.03 -16.77
C ILE A 318 -3.90 -22.65 -17.15
N ALA A 319 -3.79 -23.10 -18.42
CA ALA A 319 -2.52 -23.59 -18.94
C ALA A 319 -1.49 -22.48 -19.08
N ALA A 320 -1.91 -21.22 -19.07
CA ALA A 320 -1.01 -20.09 -19.02
C ALA A 320 -1.03 -19.37 -17.67
N THR A 321 -1.89 -19.81 -16.74
CA THR A 321 -1.62 -19.56 -15.33
C THR A 321 -0.49 -20.42 -14.83
N MET A 322 -0.45 -21.67 -15.28
CA MET A 322 0.62 -22.54 -14.81
C MET A 322 1.95 -22.12 -15.40
N GLU A 323 1.99 -21.87 -16.72
CA GLU A 323 3.18 -21.32 -17.36
C GLU A 323 3.78 -20.18 -16.54
N ASN A 324 2.93 -19.41 -15.86
CA ASN A 324 3.41 -18.35 -14.97
C ASN A 324 3.82 -18.89 -13.60
N ALA A 325 3.08 -19.86 -13.08
CA ALA A 325 3.35 -20.25 -11.71
C ALA A 325 4.56 -21.18 -11.58
N GLN A 326 5.10 -21.68 -12.69
CA GLN A 326 6.32 -22.47 -12.72
C GLN A 326 7.55 -21.59 -12.96
N LYS A 327 7.36 -20.44 -13.62
CA LYS A 327 8.42 -19.44 -13.69
C LYS A 327 8.52 -18.65 -12.38
N GLY A 328 7.52 -18.71 -11.53
CA GLY A 328 7.61 -18.16 -10.20
C GLY A 328 7.98 -19.22 -9.18
N GLU A 329 7.78 -18.88 -7.91
CA GLU A 329 8.25 -19.69 -6.80
C GLU A 329 7.15 -19.73 -5.75
N ILE A 330 6.68 -20.92 -5.47
CA ILE A 330 5.88 -21.17 -4.29
C ILE A 330 6.49 -20.43 -3.09
N MET A 331 5.66 -19.65 -2.39
CA MET A 331 6.12 -18.80 -1.32
C MET A 331 6.61 -19.60 -0.14
N PRO A 332 7.33 -18.96 0.77
CA PRO A 332 7.56 -19.56 2.10
C PRO A 332 6.31 -19.42 2.96
N ASN A 333 6.09 -20.37 3.88
CA ASN A 333 5.02 -20.20 4.85
C ASN A 333 5.54 -19.73 6.21
N ILE A 334 6.84 -19.52 6.34
CA ILE A 334 7.45 -19.14 7.60
C ILE A 334 6.79 -17.86 8.12
N PRO A 335 6.67 -17.68 9.44
CA PRO A 335 5.98 -16.49 9.96
C PRO A 335 6.64 -15.16 9.64
N GLN A 336 7.92 -15.15 9.27
CA GLN A 336 8.62 -13.92 8.90
C GLN A 336 8.18 -13.35 7.56
N MET A 337 7.33 -14.08 6.82
CA MET A 337 6.77 -13.59 5.56
C MET A 337 5.98 -12.31 5.76
N SER A 338 5.01 -12.36 6.67
CA SER A 338 4.20 -11.19 7.02
C SER A 338 5.02 -9.90 7.12
N ALA A 339 5.98 -9.90 8.03
CA ALA A 339 6.90 -8.77 8.15
C ALA A 339 7.58 -8.43 6.85
N PHE A 340 7.84 -9.44 6.00
CA PHE A 340 8.48 -9.17 4.72
C PHE A 340 7.54 -8.43 3.79
N TRP A 341 6.34 -8.98 3.63
CA TRP A 341 5.35 -8.39 2.75
C TRP A 341 5.13 -6.92 3.09
N TYR A 342 4.78 -6.66 4.36
CA TYR A 342 4.50 -5.29 4.73
C TYR A 342 5.70 -4.40 4.42
N ALA A 343 6.89 -4.83 4.80
CA ALA A 343 8.11 -4.13 4.42
C ALA A 343 8.14 -3.81 2.92
N VAL A 344 7.79 -4.78 2.07
CA VAL A 344 7.82 -4.51 0.63
C VAL A 344 6.62 -3.68 0.18
N ARG A 345 5.44 -3.91 0.81
CA ARG A 345 4.25 -3.09 0.55
C ARG A 345 4.56 -1.61 0.66
N THR A 346 5.31 -1.21 1.71
CA THR A 346 5.59 0.19 1.97
C THR A 346 6.39 0.82 0.85
N ALA A 347 7.31 0.05 0.26
CA ALA A 347 8.26 0.61 -0.67
C ALA A 347 7.61 0.91 -2.01
N VAL A 348 6.82 -0.02 -2.54
CA VAL A 348 6.15 0.30 -3.79
C VAL A 348 5.19 1.46 -3.60
N ILE A 349 4.48 1.49 -2.46
CA ILE A 349 3.65 2.65 -2.15
C ILE A 349 4.51 3.90 -2.16
N ASN A 350 5.64 3.84 -1.44
CA ASN A 350 6.50 5.00 -1.25
C ASN A 350 7.34 5.33 -2.47
N ALA A 351 7.49 4.42 -3.44
CA ALA A 351 8.21 4.73 -4.67
C ALA A 351 7.29 5.34 -5.73
N ALA A 352 6.29 4.59 -6.20
CA ALA A 352 5.44 5.08 -7.28
C ALA A 352 4.84 6.45 -6.93
N SER A 353 4.52 6.65 -5.66
CA SER A 353 4.12 7.96 -5.19
C SER A 353 5.24 8.97 -5.39
N GLY A 354 6.32 8.82 -4.63
CA GLY A 354 7.40 9.78 -4.67
C GLY A 354 8.01 10.12 -3.32
N ARG A 355 7.32 9.79 -2.21
CA ARG A 355 7.85 10.07 -0.88
C ARG A 355 9.29 9.56 -0.70
N GLN A 356 9.74 8.62 -1.55
CA GLN A 356 11.07 8.05 -1.40
C GLN A 356 11.63 7.58 -2.75
N THR A 357 12.96 7.50 -2.84
CA THR A 357 13.65 7.01 -4.03
C THR A 357 13.82 5.50 -3.92
N VAL A 358 13.87 4.84 -5.09
CA VAL A 358 13.85 3.39 -5.17
C VAL A 358 14.88 2.75 -4.25
N ASP A 359 16.06 3.35 -4.12
CA ASP A 359 17.10 2.73 -3.31
C ASP A 359 16.78 2.89 -1.82
N ALA A 360 16.43 4.11 -1.41
CA ALA A 360 16.23 4.42 0.01
C ALA A 360 15.07 3.62 0.57
N ALA A 361 14.03 3.44 -0.23
CA ALA A 361 12.92 2.54 0.09
C ALA A 361 13.38 1.11 0.37
N LEU A 362 13.93 0.47 -0.68
CA LEU A 362 14.35 -0.93 -0.62
C LEU A 362 15.31 -1.23 0.52
N ALA A 363 16.12 -0.24 0.94
CA ALA A 363 17.04 -0.50 2.04
C ALA A 363 16.32 -0.52 3.37
N ALA A 364 15.31 0.34 3.53
CA ALA A 364 14.47 0.23 4.71
C ALA A 364 13.69 -1.08 4.67
N ALA A 365 13.22 -1.46 3.48
CA ALA A 365 12.46 -2.69 3.35
C ALA A 365 13.30 -3.90 3.70
N GLN A 366 14.56 -3.91 3.28
CA GLN A 366 15.42 -5.03 3.63
C GLN A 366 15.65 -5.12 5.13
N THR A 367 16.05 -3.99 5.75
CA THR A 367 16.33 -4.01 7.17
C THR A 367 15.12 -4.53 7.93
N ASN A 368 13.93 -4.05 7.55
CA ASN A 368 12.69 -4.49 8.20
C ASN A 368 12.48 -5.97 8.00
N ALA A 369 12.85 -6.51 6.84
CA ALA A 369 12.56 -7.91 6.58
C ALA A 369 13.52 -8.82 7.34
N VAL A 370 14.79 -8.42 7.43
CA VAL A 370 15.75 -9.33 8.02
C VAL A 370 15.47 -9.49 9.51
N ASP A 371 15.07 -8.42 10.18
CA ASP A 371 14.81 -8.46 11.61
C ASP A 371 13.39 -8.03 12.00
N SER A 372 12.95 -6.82 11.62
CA SER A 372 11.89 -6.10 12.37
C SER A 372 10.53 -6.77 12.17
N ASN A 373 10.44 -8.00 12.68
CA ASN A 373 9.40 -8.96 12.31
C ASN A 373 8.06 -8.61 12.93
N ASN A 374 7.95 -7.40 13.45
CA ASN A 374 6.72 -6.95 14.07
C ASN A 374 5.94 -6.15 13.05
N GLN A 375 4.76 -6.65 12.69
CA GLN A 375 3.85 -5.87 11.87
C GLN A 375 3.58 -4.50 12.49
N ALA A 376 3.65 -4.40 13.82
CA ALA A 376 3.32 -3.18 14.54
C ALA A 376 4.48 -2.20 14.56
N GLN A 377 5.67 -2.66 14.96
CA GLN A 377 6.80 -1.74 15.13
C GLN A 377 7.18 -1.05 13.84
N GLN A 378 6.68 -1.55 12.71
CA GLN A 378 6.98 -0.88 11.45
C GLN A 378 6.21 0.42 11.34
N MET A 379 4.93 0.38 11.72
CA MET A 379 4.08 1.59 11.75
C MET A 379 4.63 2.63 12.72
N ALA A 380 4.94 2.22 13.96
CA ALA A 380 5.57 3.12 14.93
C ALA A 380 6.74 3.87 14.32
N GLN A 381 7.50 3.21 13.45
CA GLN A 381 8.62 3.88 12.79
C GLN A 381 8.14 5.01 11.90
N LYS A 382 7.19 4.72 11.00
CA LYS A 382 6.72 5.72 10.05
C LYS A 382 6.18 6.94 10.76
N LEU A 383 5.54 6.74 11.91
CA LEU A 383 4.98 7.86 12.64
C LEU A 383 6.08 8.67 13.31
N ASP A 384 7.06 7.99 13.91
CA ASP A 384 8.20 8.68 14.48
C ASP A 384 8.85 9.59 13.44
N GLN A 385 8.96 9.13 12.20
CA GLN A 385 9.44 10.00 11.14
C GLN A 385 8.53 11.21 10.94
N ASP A 386 7.22 10.99 10.87
CA ASP A 386 6.31 12.13 10.71
C ASP A 386 6.46 13.15 11.82
N SER A 387 6.36 12.71 13.07
CA SER A 387 6.45 13.66 14.17
C SER A 387 7.83 14.30 14.23
N ILE A 388 8.88 13.59 13.80
CA ILE A 388 10.22 14.19 13.70
C ILE A 388 10.17 15.34 12.71
N GLN A 389 9.28 15.23 11.73
CA GLN A 389 9.11 16.20 10.65
C GLN A 389 7.95 17.14 10.91
N LEU A 390 6.91 16.63 11.55
CA LEU A 390 5.84 17.50 12.02
C LEU A 390 6.38 18.50 13.02
N ARG A 391 7.05 17.99 14.07
CA ARG A 391 7.74 18.83 15.04
C ARG A 391 8.69 19.78 14.33
N ASN A 392 9.30 19.29 13.26
CA ASN A 392 10.23 20.11 12.49
C ASN A 392 9.50 21.25 11.79
N ILE A 393 8.47 20.94 11.00
CA ILE A 393 7.73 21.96 10.27
C ILE A 393 6.96 22.89 11.18
N LYS A 394 6.93 22.61 12.49
CA LYS A 394 6.19 23.46 13.41
C LYS A 394 6.94 24.76 13.66
N ASP A 395 8.10 24.67 14.31
CA ASP A 395 8.92 25.84 14.58
C ASP A 395 9.09 26.69 13.32
N ASN A 396 9.17 26.02 12.17
CA ASN A 396 9.30 26.71 10.89
C ASN A 396 8.09 27.61 10.61
N VAL A 397 6.90 27.02 10.54
CA VAL A 397 5.69 27.71 10.07
C VAL A 397 4.70 27.76 11.22
N GLN A 398 4.75 28.84 12.01
CA GLN A 398 3.97 28.95 13.24
C GLN A 398 3.64 30.41 13.49
N GLY A 399 2.61 30.63 14.30
CA GLY A 399 1.85 31.85 14.27
C GLY A 399 0.98 32.00 13.05
N THR A 400 0.85 30.95 12.23
CA THR A 400 0.35 30.96 10.86
C THR A 400 -1.02 30.32 10.80
N ASP A 401 -1.59 30.27 9.59
CA ASP A 401 -2.87 29.59 9.48
C ASP A 401 -2.73 28.10 9.67
N TYR A 402 -1.50 27.60 9.76
CA TYR A 402 -1.21 26.17 9.78
C TYR A 402 -0.78 25.64 11.14
N GLU A 403 -0.66 26.50 12.15
CA GLU A 403 -0.29 26.01 13.47
C GLU A 403 -1.27 24.95 13.97
N LYS A 404 -2.58 25.21 13.86
CA LYS A 404 -3.50 24.31 14.55
C LYS A 404 -3.65 22.96 13.85
N PRO A 405 -3.74 22.92 12.51
CA PRO A 405 -3.55 21.64 11.82
C PRO A 405 -2.26 20.90 12.19
N VAL A 406 -1.14 21.62 12.30
CA VAL A 406 0.11 20.97 12.65
C VAL A 406 0.03 20.35 14.04
N ASN A 407 -0.36 21.14 15.04
CA ASN A 407 -0.29 20.66 16.42
C ASN A 407 -1.30 19.57 16.69
N GLU A 408 -2.43 19.55 15.99
CA GLU A 408 -3.40 18.49 16.21
C GLU A 408 -2.89 17.20 15.61
N ALA A 409 -2.23 17.30 14.43
CA ALA A 409 -1.61 16.15 13.79
C ALA A 409 -0.51 15.56 14.67
N ILE A 410 0.35 16.42 15.20
CA ILE A 410 1.32 15.98 16.17
C ILE A 410 0.66 15.21 17.30
N THR A 411 -0.42 15.76 17.87
CA THR A 411 -1.17 15.01 18.90
C THR A 411 -1.73 13.72 18.30
N SER A 412 -2.14 13.75 17.03
CA SER A 412 -2.69 12.56 16.39
C SER A 412 -1.62 11.50 16.13
N VAL A 413 -0.44 11.91 15.65
CA VAL A 413 0.67 10.99 15.43
C VAL A 413 1.09 10.31 16.74
N GLU A 414 0.86 10.98 17.86
CA GLU A 414 1.11 10.35 19.15
C GLU A 414 -0.07 9.52 19.65
N LYS A 415 -1.31 9.85 19.29
CA LYS A 415 -2.46 9.04 19.73
C LYS A 415 -2.47 7.69 19.03
N LEU A 416 -2.23 7.69 17.73
CA LEU A 416 -2.18 6.43 17.01
C LEU A 416 -1.08 5.53 17.55
N LYS A 417 0.04 6.11 17.98
CA LYS A 417 1.19 5.28 18.33
C LYS A 417 0.88 4.41 19.54
N THR A 418 0.25 4.96 20.58
CA THR A 418 -0.11 4.11 21.70
C THR A 418 -1.18 3.11 21.31
N SER A 419 -2.08 3.46 20.38
CA SER A 419 -3.22 2.62 20.06
C SER A 419 -2.81 1.20 19.68
N LEU A 420 -1.55 1.02 19.32
CA LEU A 420 -1.00 -0.29 18.98
C LEU A 420 0.11 -0.79 19.96
N ARG A 421 0.48 0.05 20.92
CA ARG A 421 1.51 -0.26 21.91
C ARG A 421 0.87 -0.73 23.18
N ALA A 422 1.30 -0.14 24.30
CA ALA A 422 0.82 -0.48 25.63
C ALA A 422 -0.63 -0.02 25.83
N ASN A 423 -1.17 0.89 25.01
CA ASN A 423 -2.59 1.21 25.18
C ASN A 423 -3.53 0.04 24.89
N SER A 424 -3.62 -0.34 23.62
CA SER A 424 -4.46 -1.42 23.12
C SER A 424 -5.94 -1.20 23.46
N GLU A 425 -6.28 -0.07 24.11
CA GLU A 425 -7.67 0.32 24.27
C GLU A 425 -8.31 0.59 22.92
N THR A 426 -7.65 1.41 22.10
CA THR A 426 -8.02 1.61 20.71
C THR A 426 -9.50 1.96 20.58
N VAL A 427 -9.81 3.20 20.95
CA VAL A 427 -11.05 3.83 20.52
C VAL A 427 -11.26 3.60 19.00
N TYR A 428 -10.18 3.27 18.27
CA TYR A 428 -10.20 3.10 16.82
C TYR A 428 -10.31 1.66 16.34
N ASP A 429 -11.10 1.45 15.28
CA ASP A 429 -11.21 0.14 14.66
C ASP A 429 -9.93 -0.22 13.94
N LEU A 430 -9.75 -1.52 13.71
CA LEU A 430 -8.49 -2.04 13.19
C LEU A 430 -8.30 -1.79 11.71
N ASN A 431 -9.36 -2.03 10.91
CA ASN A 431 -9.31 -1.80 9.47
C ASN A 431 -8.81 -0.39 9.16
N SER A 432 -9.11 0.55 10.04
CA SER A 432 -8.86 1.97 9.81
C SER A 432 -7.45 2.39 10.20
N ILE A 433 -6.72 1.57 10.97
CA ILE A 433 -5.43 2.00 11.49
C ILE A 433 -4.59 2.45 10.31
N GLY A 434 -4.23 1.50 9.41
CA GLY A 434 -3.35 1.81 8.30
C GLY A 434 -3.83 3.00 7.49
N SER A 435 -5.14 3.10 7.27
CA SER A 435 -5.68 4.20 6.49
C SER A 435 -5.42 5.52 7.19
N ARG A 436 -5.64 5.56 8.52
CA ARG A 436 -5.36 6.76 9.32
C ARG A 436 -3.89 7.17 9.22
N VAL A 437 -2.99 6.18 9.20
CA VAL A 437 -1.58 6.48 9.24
C VAL A 437 -1.10 6.94 7.87
N GLU A 438 -1.50 6.24 6.81
CA GLU A 438 -1.19 6.71 5.47
C GLU A 438 -1.81 8.09 5.19
N ALA A 439 -2.96 8.38 5.80
CA ALA A 439 -3.54 9.70 5.60
C ALA A 439 -2.70 10.78 6.27
N LEU A 440 -2.02 10.45 7.37
CA LEU A 440 -1.08 11.40 7.96
C LEU A 440 0.01 11.81 6.97
N THR A 441 0.48 10.87 6.13
CA THR A 441 1.37 11.25 5.05
C THR A 441 0.69 12.23 4.11
N ASP A 442 -0.63 12.05 3.88
CA ASP A 442 -1.40 12.96 3.03
C ASP A 442 -1.59 14.32 3.69
N VAL A 443 -1.79 14.36 5.01
CA VAL A 443 -1.80 15.65 5.72
C VAL A 443 -0.47 16.36 5.54
N ILE A 444 0.63 15.67 5.81
CA ILE A 444 1.94 16.32 5.78
C ILE A 444 2.18 16.97 4.43
N GLU A 445 1.94 16.21 3.34
CA GLU A 445 2.19 16.73 2.00
C GLU A 445 1.31 17.93 1.66
N ALA A 446 0.15 18.07 2.31
CA ALA A 446 -0.74 19.23 2.13
C ALA A 446 -0.26 20.44 2.93
N ILE A 447 0.29 20.19 4.13
CA ILE A 447 0.97 21.24 4.85
C ILE A 447 2.20 21.67 4.07
N THR A 448 2.81 20.73 3.34
CA THR A 448 3.96 21.07 2.55
C THR A 448 3.56 21.82 1.29
N PHE A 449 2.53 21.36 0.59
CA PHE A 449 2.07 22.07 -0.61
C PHE A 449 1.70 23.50 -0.28
N SER A 450 0.91 23.67 0.79
CA SER A 450 0.36 24.95 1.13
C SER A 450 1.44 25.96 1.53
N THR A 451 2.53 25.50 2.13
CA THR A 451 3.51 26.47 2.61
C THR A 451 4.45 26.92 1.49
N GLN A 452 4.54 26.17 0.41
CA GLN A 452 5.47 26.48 -0.65
C GLN A 452 4.85 27.10 -1.88
N HIS A 453 3.52 27.19 -1.95
CA HIS A 453 2.85 27.73 -3.15
C HIS A 453 1.74 28.70 -2.87
N LEU A 454 1.16 28.71 -1.67
CA LEU A 454 0.06 29.59 -1.36
C LEU A 454 0.53 30.85 -0.70
N ALA A 455 1.70 30.82 -0.08
CA ALA A 455 2.12 31.98 0.69
C ALA A 455 2.26 33.24 -0.17
N ASN A 456 2.12 33.14 -1.49
CA ASN A 456 2.13 34.33 -2.32
C ASN A 456 0.72 34.72 -2.78
N LYS A 457 -0.30 34.53 -1.94
CA LYS A 457 -1.68 34.78 -2.32
C LYS A 457 -2.42 35.48 -1.18
N VAL A 458 -3.63 35.93 -1.49
CA VAL A 458 -4.62 36.45 -0.54
C VAL A 458 -4.81 35.43 0.58
N SER A 459 -5.05 35.88 1.82
CA SER A 459 -4.94 34.97 2.94
C SER A 459 -6.07 33.94 2.97
N GLN A 460 -7.13 34.17 2.23
CA GLN A 460 -8.23 33.20 2.20
C GLN A 460 -7.81 31.88 1.52
N ALA A 461 -6.96 31.94 0.48
CA ALA A 461 -6.30 30.74 -0.04
C ALA A 461 -5.68 29.93 1.09
N ASN A 462 -4.89 30.61 1.94
CA ASN A 462 -4.28 29.97 3.09
C ASN A 462 -5.26 29.71 4.20
N ILE A 463 -6.41 30.39 4.21
CA ILE A 463 -7.43 30.11 5.22
C ILE A 463 -8.06 28.75 4.97
N ASP A 464 -8.52 28.52 3.73
CA ASP A 464 -9.22 27.29 3.37
C ASP A 464 -8.39 26.07 3.70
N MET A 465 -7.18 25.99 3.13
CA MET A 465 -6.27 24.88 3.40
C MET A 465 -6.02 24.68 4.89
N GLY A 466 -5.70 25.77 5.59
CA GLY A 466 -5.63 25.71 7.03
C GLY A 466 -6.79 24.95 7.64
N PHE A 467 -8.03 25.31 7.27
CA PHE A 467 -9.18 24.59 7.79
C PHE A 467 -9.26 23.17 7.25
N GLY A 468 -8.95 23.00 5.97
CA GLY A 468 -9.11 21.69 5.35
C GLY A 468 -8.16 20.64 5.88
N ILE A 469 -6.97 21.04 6.31
CA ILE A 469 -6.04 20.09 6.91
C ILE A 469 -6.51 19.71 8.31
N THR A 470 -7.04 20.70 9.07
CA THR A 470 -7.64 20.37 10.35
C THR A 470 -8.82 19.44 10.18
N LYS A 471 -9.65 19.66 9.14
CA LYS A 471 -10.74 18.72 8.90
C LYS A 471 -10.21 17.31 8.73
N LEU A 472 -9.03 17.20 8.09
CA LEU A 472 -8.49 15.88 7.78
C LEU A 472 -7.98 15.20 9.04
N VAL A 473 -7.20 15.94 9.87
CA VAL A 473 -6.66 15.35 11.09
C VAL A 473 -7.81 14.96 12.03
N ILE A 474 -8.94 15.66 11.93
CA ILE A 474 -10.14 15.30 12.71
C ILE A 474 -10.68 13.95 12.28
N ARG A 475 -10.99 13.80 10.98
CA ARG A 475 -11.43 12.50 10.49
C ARG A 475 -10.38 11.44 10.76
N ILE A 476 -9.11 11.82 10.67
CA ILE A 476 -8.01 10.92 10.99
C ILE A 476 -8.12 10.42 12.42
N LEU A 477 -8.59 11.29 13.33
CA LEU A 477 -8.76 10.96 14.75
C LEU A 477 -10.17 10.53 15.13
N ASP A 478 -11.14 10.64 14.23
CA ASP A 478 -12.51 10.25 14.55
C ASP A 478 -12.67 8.72 14.52
N PRO A 479 -13.00 8.08 15.65
CA PRO A 479 -13.42 6.66 15.62
C PRO A 479 -14.66 6.39 14.81
N PHE A 480 -15.43 7.42 14.53
CA PHE A 480 -16.66 7.25 13.76
C PHE A 480 -16.39 7.12 12.28
N ALA A 481 -15.41 7.88 11.77
CA ALA A 481 -15.02 7.82 10.37
C ALA A 481 -14.53 6.41 9.98
N SER A 482 -15.16 5.82 8.97
CA SER A 482 -14.71 4.54 8.45
C SER A 482 -13.69 4.77 7.36
N VAL A 483 -13.05 3.66 6.91
CA VAL A 483 -11.93 3.73 5.98
C VAL A 483 -12.29 4.60 4.78
N ASP A 484 -13.51 4.41 4.24
CA ASP A 484 -13.99 5.24 3.13
C ASP A 484 -14.32 6.66 3.60
N SER A 485 -14.87 6.82 4.79
CA SER A 485 -15.14 8.16 5.29
C SER A 485 -13.87 8.98 5.30
N ILE A 486 -12.74 8.34 5.57
CA ILE A 486 -11.45 9.03 5.55
C ILE A 486 -10.98 9.29 4.14
N LYS A 487 -10.83 8.23 3.34
CA LYS A 487 -10.27 8.38 1.99
C LYS A 487 -10.97 9.50 1.23
N ALA A 488 -12.30 9.56 1.34
CA ALA A 488 -13.05 10.63 0.72
C ALA A 488 -12.64 11.99 1.26
N GLN A 489 -12.37 12.08 2.55
CA GLN A 489 -11.89 13.34 3.14
C GLN A 489 -10.50 13.69 2.66
N VAL A 490 -9.69 12.67 2.34
CA VAL A 490 -8.32 12.88 1.91
C VAL A 490 -8.31 13.43 0.50
N ASN A 491 -9.29 13.01 -0.32
CA ASN A 491 -9.41 13.49 -1.70
C ASN A 491 -10.04 14.87 -1.78
N ASP A 492 -10.63 15.35 -0.69
CA ASP A 492 -11.10 16.73 -0.65
C ASP A 492 -9.94 17.68 -0.45
N VAL A 493 -9.04 17.34 0.47
CA VAL A 493 -7.87 18.19 0.72
C VAL A 493 -7.00 18.26 -0.54
N LYS A 494 -6.97 17.18 -1.33
CA LYS A 494 -6.31 17.26 -2.63
C LYS A 494 -7.13 18.14 -3.56
N ALA A 495 -8.46 18.08 -3.44
CA ALA A 495 -9.34 18.88 -4.29
C ALA A 495 -9.30 20.34 -3.92
N LEU A 496 -9.07 20.64 -2.63
CA LEU A 496 -8.96 22.01 -2.16
C LEU A 496 -7.72 22.72 -2.67
N GLU A 497 -6.64 21.96 -2.93
CA GLU A 497 -5.38 22.55 -3.38
C GLU A 497 -5.49 23.17 -4.76
N GLN A 498 -6.39 22.64 -5.59
CA GLN A 498 -6.65 23.25 -6.89
C GLN A 498 -7.52 24.48 -6.73
N LYS A 499 -8.51 24.37 -5.85
CA LYS A 499 -9.48 25.45 -5.69
C LYS A 499 -8.78 26.73 -5.30
N VAL A 500 -7.84 26.64 -4.37
CA VAL A 500 -7.19 27.82 -3.80
C VAL A 500 -6.38 28.55 -4.85
N LEU A 501 -5.70 27.79 -5.75
CA LEU A 501 -4.79 28.40 -6.71
C LEU A 501 -5.49 29.30 -7.72
N THR A 502 -6.83 29.30 -7.71
CA THR A 502 -7.69 30.19 -8.48
C THR A 502 -7.70 31.60 -7.95
N TYR A 503 -7.38 31.75 -6.66
CA TYR A 503 -7.53 33.01 -5.96
C TYR A 503 -6.55 34.04 -6.48
N PRO A 504 -6.89 35.31 -6.39
CA PRO A 504 -5.95 36.32 -6.86
C PRO A 504 -4.68 36.28 -6.04
N ASP A 505 -3.56 36.22 -6.74
CA ASP A 505 -2.29 36.44 -6.09
C ASP A 505 -2.34 37.77 -5.38
N LEU A 506 -1.56 37.90 -4.32
CA LEU A 506 -1.54 39.17 -3.62
C LEU A 506 -1.20 40.31 -4.55
N LYS A 507 -1.50 41.53 -4.13
CA LYS A 507 -1.21 42.66 -4.99
C LYS A 507 -0.22 43.61 -4.29
N PRO A 508 0.82 44.03 -4.98
CA PRO A 508 1.85 44.89 -4.39
C PRO A 508 1.36 46.12 -3.66
N THR A 509 0.07 46.45 -3.74
CA THR A 509 -0.43 47.54 -2.91
C THR A 509 -1.17 47.05 -1.67
N ASP A 510 -1.54 45.76 -1.63
CA ASP A 510 -2.40 45.22 -0.59
C ASP A 510 -1.66 45.13 0.73
N ARG A 511 -2.40 45.22 1.83
CA ARG A 511 -1.83 44.90 3.14
C ARG A 511 -1.16 43.55 3.05
N ALA A 512 0.12 43.50 3.43
CA ALA A 512 0.93 42.32 3.20
C ALA A 512 0.58 41.23 4.21
N THR A 513 0.33 40.02 3.71
CA THR A 513 -0.07 38.91 4.56
C THR A 513 1.12 38.38 5.34
N ILE A 514 0.81 37.77 6.49
CA ILE A 514 1.76 37.16 7.40
C ILE A 514 2.78 36.42 6.58
N TYR A 515 2.32 35.69 5.56
CA TYR A 515 3.25 34.92 4.75
C TYR A 515 4.28 35.81 4.07
N THR A 516 3.85 36.92 3.46
CA THR A 516 4.86 37.80 2.88
C THR A 516 5.66 38.53 3.96
N LYS A 517 5.12 38.70 5.17
CA LYS A 517 5.98 39.09 6.28
C LYS A 517 6.83 37.92 6.78
N SER A 518 6.39 36.68 6.56
CA SER A 518 7.26 35.56 6.86
C SER A 518 8.46 35.54 5.94
N LYS A 519 8.46 36.34 4.88
CA LYS A 519 9.62 36.29 4.02
C LYS A 519 10.67 37.32 4.42
N LEU A 520 10.25 38.52 4.82
CA LEU A 520 11.18 39.50 5.37
C LEU A 520 11.83 39.00 6.67
N ASP A 521 11.09 38.19 7.43
CA ASP A 521 11.63 37.70 8.69
C ASP A 521 12.74 36.67 8.45
N LYS A 522 12.64 35.88 7.38
CA LYS A 522 13.72 34.94 7.08
C LYS A 522 14.97 35.66 6.62
N GLU A 523 14.85 36.85 6.02
CA GLU A 523 16.04 37.61 5.67
C GLU A 523 16.68 38.21 6.92
N ILE A 524 15.86 38.62 7.88
CA ILE A 524 16.37 39.15 9.15
C ILE A 524 17.17 38.09 9.87
N TRP A 525 16.66 36.86 9.93
CA TRP A 525 17.42 35.78 10.55
C TRP A 525 18.67 35.44 9.74
N ASN A 526 18.58 35.49 8.41
CA ASN A 526 19.75 35.17 7.59
C ASN A 526 20.83 36.22 7.75
N THR A 527 20.42 37.48 7.84
CA THR A 527 21.36 38.60 7.94
C THR A 527 22.01 38.69 9.32
N ARG A 528 21.30 38.31 10.39
CA ARG A 528 21.96 38.30 11.69
C ARG A 528 22.93 37.12 11.80
N PHE A 529 22.54 35.96 11.25
CA PHE A 529 23.44 34.82 11.22
C PHE A 529 24.68 35.12 10.38
N THR A 530 24.48 35.63 9.16
CA THR A 530 25.65 36.02 8.38
C THR A 530 26.44 37.10 9.10
N ARG A 531 25.77 38.03 9.81
CA ARG A 531 26.49 39.13 10.45
C ARG A 531 27.33 38.64 11.61
N ASP A 532 26.77 37.79 12.46
CA ASP A 532 27.54 37.21 13.56
C ASP A 532 28.68 36.34 13.04
N LYS A 533 28.50 35.70 11.89
CA LYS A 533 29.53 34.78 11.38
C LYS A 533 30.63 35.50 10.62
N LYS A 534 30.27 36.36 9.66
CA LYS A 534 31.26 36.98 8.80
C LYS A 534 31.53 38.47 9.07
N VAL A 535 30.90 39.09 10.06
CA VAL A 535 31.13 40.50 10.39
C VAL A 535 31.58 40.70 11.83
N LEU A 536 30.95 40.01 12.79
CA LEU A 536 30.95 40.44 14.19
C LEU A 536 32.29 40.92 14.74
N ASN A 537 33.27 40.04 14.86
CA ASN A 537 34.59 40.57 15.14
C ASN A 537 35.24 41.00 13.85
N VAL A 538 34.82 40.38 12.75
CA VAL A 538 35.63 40.31 11.54
C VAL A 538 35.99 41.71 11.03
N LYS A 539 34.99 42.47 10.64
CA LYS A 539 35.31 43.80 10.14
C LYS A 539 35.01 44.85 11.19
N GLU A 540 35.58 46.03 10.97
CA GLU A 540 35.71 47.02 12.03
C GLU A 540 34.37 47.70 12.30
N PHE A 541 34.19 48.15 13.55
CA PHE A 541 32.87 48.37 14.13
C PHE A 541 32.07 49.47 13.43
N LYS A 542 32.73 50.47 12.84
CA LYS A 542 32.00 51.54 12.16
C LYS A 542 31.01 50.96 11.16
N VAL A 543 31.34 49.82 10.54
CA VAL A 543 30.49 49.19 9.56
C VAL A 543 29.55 48.17 10.18
N TYR A 544 29.84 47.70 11.40
CA TYR A 544 28.87 46.93 12.17
C TYR A 544 27.66 47.80 12.54
N ASN A 545 27.93 48.98 13.10
CA ASN A 545 26.88 49.93 13.45
C ASN A 545 25.92 50.17 12.29
N THR A 546 26.43 50.60 11.13
CA THR A 546 25.57 50.91 10.00
C THR A 546 25.20 49.67 9.17
N LEU A 547 25.21 48.49 9.78
CA LEU A 547 24.38 47.36 9.36
C LEU A 547 23.33 47.02 10.41
N ASN A 548 23.70 47.13 11.69
CA ASN A 548 22.78 46.89 12.79
C ASN A 548 21.55 47.77 12.68
N LYS A 549 21.72 49.00 12.16
CA LYS A 549 20.58 49.89 11.93
C LYS A 549 19.64 49.31 10.89
N ALA A 550 20.18 48.77 9.78
CA ALA A 550 19.35 48.21 8.73
C ALA A 550 18.63 46.95 9.18
N ILE A 551 19.01 46.37 10.31
CA ILE A 551 18.19 45.34 10.92
C ILE A 551 17.02 45.98 11.66
N THR A 552 17.33 46.84 12.64
CA THR A 552 16.29 47.55 13.37
C THR A 552 15.31 48.23 12.43
N HIS A 553 15.81 48.75 11.30
CA HIS A 553 14.90 49.28 10.31
C HIS A 553 14.08 48.19 9.67
N ALA A 554 14.73 47.07 9.32
CA ALA A 554 14.00 46.00 8.65
C ALA A 554 13.06 45.29 9.62
N VAL A 555 13.31 45.35 10.92
CA VAL A 555 12.31 44.86 11.87
C VAL A 555 11.12 45.82 11.92
N GLY A 556 11.40 47.12 11.96
CA GLY A 556 10.33 48.10 11.95
C GLY A 556 9.37 47.91 10.81
N VAL A 557 9.84 47.38 9.69
CA VAL A 557 8.93 47.22 8.56
C VAL A 557 7.95 46.08 8.80
N GLN A 558 8.32 45.07 9.57
CA GLN A 558 7.37 43.99 9.82
C GLN A 558 6.72 44.05 11.21
N LEU A 559 7.01 45.06 12.05
CA LEU A 559 6.12 45.38 13.17
C LEU A 559 4.96 46.28 12.74
N ASN A 560 5.14 47.01 11.66
CA ASN A 560 4.06 47.77 11.04
C ASN A 560 2.96 46.83 10.59
N PRO A 561 1.72 47.08 10.95
CA PRO A 561 0.63 46.27 10.39
C PRO A 561 0.24 46.71 9.00
N ASN A 562 0.34 48.03 8.73
CA ASN A 562 -0.11 48.63 7.49
C ASN A 562 0.92 48.58 6.39
N VAL A 563 1.86 47.65 6.49
CA VAL A 563 2.90 47.56 5.48
C VAL A 563 2.32 46.85 4.26
N THR A 564 2.54 47.44 3.09
CA THR A 564 2.10 46.86 1.85
C THR A 564 3.13 45.83 1.36
N VAL A 565 2.70 44.93 0.47
CA VAL A 565 3.64 44.00 -0.12
C VAL A 565 4.85 44.76 -0.66
N GLN A 566 4.58 45.79 -1.45
CA GLN A 566 5.67 46.53 -2.08
C GLN A 566 6.61 47.13 -1.03
N GLN A 567 6.06 47.58 0.10
CA GLN A 567 6.89 48.16 1.16
C GLN A 567 7.78 47.09 1.80
N VAL A 568 7.36 45.83 1.76
CA VAL A 568 8.21 44.76 2.23
C VAL A 568 9.22 44.37 1.16
N ASP A 569 8.75 44.13 -0.07
CA ASP A 569 9.65 43.64 -1.13
C ASP A 569 10.93 44.45 -1.22
N GLN A 570 10.83 45.78 -1.18
CA GLN A 570 11.99 46.65 -1.32
C GLN A 570 12.80 46.74 -0.03
N GLU A 571 12.20 46.36 1.09
CA GLU A 571 12.92 46.32 2.37
C GLU A 571 13.89 45.15 2.43
N ILE A 572 13.52 44.01 1.86
CA ILE A 572 14.45 42.89 1.78
C ILE A 572 15.61 43.21 0.84
N VAL A 573 15.33 43.85 -0.29
CA VAL A 573 16.39 44.34 -1.18
C VAL A 573 17.43 45.12 -0.39
N THR A 574 16.97 45.93 0.58
CA THR A 574 17.88 46.65 1.46
C THR A 574 18.91 45.73 2.09
N LEU A 575 18.45 44.74 2.85
CA LEU A 575 19.35 43.86 3.59
C LEU A 575 20.35 43.18 2.66
N GLN A 576 19.86 42.48 1.65
CA GLN A 576 20.78 41.80 0.75
C GLN A 576 21.48 42.77 -0.20
N ALA A 577 21.42 44.05 0.13
CA ALA A 577 22.37 45.02 -0.36
C ALA A 577 23.02 45.82 0.76
N ALA A 578 22.56 45.67 2.00
CA ALA A 578 23.18 46.27 3.17
C ALA A 578 24.04 45.28 3.95
N LEU A 579 23.71 43.99 3.83
CA LEU A 579 24.64 42.95 4.27
C LEU A 579 25.79 42.86 3.29
N GLN A 580 25.55 43.17 2.02
CA GLN A 580 26.63 43.26 1.05
C GLN A 580 27.41 44.57 1.19
N THR A 581 26.73 45.65 1.59
CA THR A 581 27.44 46.89 1.90
C THR A 581 28.47 46.67 3.01
N ALA A 582 28.18 45.75 3.93
CA ALA A 582 29.06 45.39 5.04
C ALA A 582 29.87 44.17 4.67
N LEU A 583 30.36 44.13 3.44
CA LEU A 583 31.27 43.09 3.00
C LEU A 583 32.46 43.73 2.28
N LYS A 584 33.06 44.71 2.95
CA LYS A 584 34.42 45.17 2.69
C LYS A 584 35.32 44.61 3.81
#